data_7CD5
#
_entry.id   7CD5
#
_cell.length_a   107.210
_cell.length_b   107.210
_cell.length_c   230.792
_cell.angle_alpha   90.000
_cell.angle_beta   90.000
_cell.angle_gamma   120.000
#
_symmetry.space_group_name_H-M   'P 65 2 2'
#
loop_
_entity.id
_entity.type
_entity.pdbx_description
1 polymer "DNA(5'-D(*CP*GP*TP*AP*AP*TP*AP*CP*G)-3')"
2 polymer 'DNA-(apurinic or apyrimidinic site) endonuclease'
#
loop_
_entity_poly.entity_id
_entity_poly.type
_entity_poly.pdbx_seq_one_letter_code
_entity_poly.pdbx_strand_id
1 'polydeoxyribonucleotide' (DC)(DG)(DT)(DA)(DA)(DT)(DA)(DC)(DG) B
2 'polypeptide(L)'
;MGSSHHHHHHSSGLVPRGSHMASMTGGQQMGRGSMPKRGKKAAADDGEEPKSEPETKKSKGAAKKTEKEAAGEGPVLYED
PPDQKTSPSGKSATLKICSWNVDGLRAWIKKKGLDWVKEEAPDILCLQETKCSENKLPAELQELPGLTHQYWSAPSDKEG
YSGVGLLSRQCPLKVSYGIGEEEHDQEGRVIVAEFESFVLVTAYVPNAGRGLVRLEYRQRWDEAFRKFLKDLASRKPLVL
CGDLNVAHEEIDLRNPKGNKKNAGFTPQERQGFGELLQAVPLADSFRHLYPNTAYAYTFWTYMMNARSKNVGWRLDYFLL
SHSLLPALCDSKIRSKALGSDHCPITLYLAL
;
A
#
# COMPACT_ATOMS: atom_id res chain seq x y z
N GLY B 74 28.09 4.02 -12.21
CA GLY B 74 27.38 3.70 -10.98
C GLY B 74 25.88 4.00 -11.02
N PRO B 75 25.09 3.19 -10.32
CA PRO B 75 23.63 3.40 -10.33
C PRO B 75 23.24 4.58 -9.47
N VAL B 76 22.23 5.32 -9.92
CA VAL B 76 21.76 6.50 -9.19
C VAL B 76 20.85 6.04 -8.06
N LEU B 77 21.24 6.37 -6.82
CA LEU B 77 20.53 5.96 -5.63
C LEU B 77 19.66 7.09 -5.11
N TYR B 78 18.72 6.73 -4.24
CA TYR B 78 17.71 7.65 -3.72
C TYR B 78 17.78 7.69 -2.20
N GLU B 79 17.80 8.90 -1.64
CA GLU B 79 17.80 9.10 -0.21
C GLU B 79 16.52 9.85 0.16
N ASP B 80 15.62 9.19 0.87
CA ASP B 80 14.36 9.80 1.23
C ASP B 80 14.61 10.96 2.20
N PRO B 81 14.04 12.13 1.96
CA PRO B 81 14.31 13.29 2.83
C PRO B 81 13.76 13.09 4.23
N PRO B 82 14.16 13.93 5.19
CA PRO B 82 13.73 13.73 6.57
C PRO B 82 12.22 13.82 6.74
N ASP B 83 11.74 13.23 7.83
CA ASP B 83 10.33 13.26 8.14
C ASP B 83 9.88 14.68 8.45
N GLN B 84 8.87 15.15 7.71
CA GLN B 84 8.20 16.41 7.99
C GLN B 84 6.96 16.09 8.81
N LYS B 85 6.98 16.42 10.10
CA LYS B 85 5.89 16.07 11.00
C LYS B 85 4.95 17.24 11.28
N THR B 86 4.99 18.30 10.47
CA THR B 86 4.12 19.46 10.62
C THR B 86 3.43 19.75 9.30
N SER B 87 2.11 19.89 9.33
CA SER B 87 1.33 20.15 8.13
C SER B 87 1.60 21.57 7.64
N PRO B 88 1.30 21.87 6.37
CA PRO B 88 1.50 23.25 5.89
C PRO B 88 0.73 24.28 6.70
N SER B 89 -0.45 23.91 7.21
CA SER B 89 -1.20 24.82 8.07
C SER B 89 -0.45 25.09 9.37
N GLY B 90 0.43 24.19 9.80
CA GLY B 90 1.16 24.34 11.05
C GLY B 90 0.80 23.35 12.13
N LYS B 91 -0.32 22.63 12.00
CA LYS B 91 -0.71 21.64 12.99
C LYS B 91 0.29 20.49 13.02
N SER B 92 0.62 20.03 14.23
CA SER B 92 1.51 18.89 14.39
C SER B 92 0.82 17.60 13.96
N ALA B 93 1.62 16.65 13.47
CA ALA B 93 1.09 15.36 13.06
C ALA B 93 0.57 14.58 14.27
N THR B 94 -0.60 13.95 14.10
CA THR B 94 -1.26 13.20 15.15
C THR B 94 -1.51 11.73 14.81
N LEU B 95 -1.31 11.33 13.56
CA LEU B 95 -1.58 9.98 13.09
C LEU B 95 -0.43 9.51 12.20
N LYS B 96 0.05 8.29 12.43
CA LYS B 96 1.17 7.74 11.68
C LYS B 96 0.80 6.35 11.20
N ILE B 97 0.53 6.25 9.90
CA ILE B 97 0.14 4.99 9.26
C ILE B 97 1.35 4.42 8.54
N CYS B 98 1.53 3.12 8.64
CA CYS B 98 2.62 2.45 7.95
C CYS B 98 2.07 1.30 7.14
N SER B 99 2.53 1.19 5.89
CA SER B 99 2.07 0.15 4.99
C SER B 99 3.30 -0.57 4.42
N TRP B 100 3.19 -1.90 4.31
CA TRP B 100 4.34 -2.70 3.90
C TRP B 100 3.86 -3.98 3.24
N ASN B 101 4.29 -4.22 2.00
CA ASN B 101 4.07 -5.51 1.35
C ASN B 101 5.17 -6.46 1.82
N VAL B 102 4.82 -7.36 2.74
CA VAL B 102 5.80 -8.21 3.40
C VAL B 102 6.19 -9.41 2.54
N ASP B 103 5.41 -9.72 1.51
CA ASP B 103 5.68 -10.81 0.58
C ASP B 103 6.16 -12.07 1.31
N GLY B 104 5.31 -12.54 2.21
CA GLY B 104 5.64 -13.69 3.03
C GLY B 104 5.71 -13.32 4.49
N LEU B 105 4.54 -13.27 5.13
CA LEU B 105 4.46 -12.80 6.51
C LEU B 105 5.41 -13.55 7.42
N ARG B 106 5.52 -14.86 7.25
CA ARG B 106 6.36 -15.64 8.16
C ARG B 106 7.84 -15.41 7.88
N ALA B 107 8.24 -15.41 6.61
CA ALA B 107 9.62 -15.12 6.27
C ALA B 107 9.99 -13.70 6.68
N TRP B 108 9.05 -12.77 6.54
CA TRP B 108 9.28 -11.39 6.97
C TRP B 108 9.51 -11.31 8.48
N ILE B 109 8.82 -12.14 9.26
CA ILE B 109 9.03 -12.08 10.71
C ILE B 109 10.39 -12.66 11.07
N LYS B 110 10.80 -13.74 10.40
CA LYS B 110 12.13 -14.30 10.60
C LYS B 110 13.23 -13.29 10.24
N LYS B 111 12.99 -12.44 9.24
CA LYS B 111 13.96 -11.43 8.84
C LYS B 111 13.84 -10.16 9.66
N LYS B 112 13.29 -10.26 10.88
CA LYS B 112 13.27 -9.19 11.87
C LYS B 112 12.38 -8.02 11.43
N GLY B 113 11.39 -8.32 10.59
CA GLY B 113 10.47 -7.28 10.16
C GLY B 113 9.73 -6.65 11.32
N LEU B 114 9.32 -7.47 12.29
CA LEU B 114 8.59 -6.95 13.46
C LEU B 114 9.45 -5.98 14.24
N ASP B 115 10.77 -6.26 14.34
CA ASP B 115 11.67 -5.32 15.01
C ASP B 115 11.61 -3.94 14.36
N TRP B 116 11.60 -3.90 13.02
CA TRP B 116 11.49 -2.62 12.34
C TRP B 116 10.16 -1.94 12.67
N VAL B 117 9.08 -2.70 12.78
CA VAL B 117 7.79 -2.10 13.10
C VAL B 117 7.82 -1.44 14.48
N LYS B 118 8.35 -2.15 15.48
CA LYS B 118 8.46 -1.59 16.83
C LYS B 118 9.34 -0.34 16.85
N GLU B 119 10.29 -0.26 15.92
CA GLU B 119 11.13 0.94 15.80
C GLU B 119 10.38 2.07 15.13
N GLU B 120 9.40 1.75 14.28
CA GLU B 120 8.64 2.79 13.60
C GLU B 120 7.49 3.28 14.48
N ALA B 121 6.99 2.39 15.35
CA ALA B 121 5.89 2.69 16.27
C ALA B 121 4.72 3.43 15.60
N PRO B 122 4.07 2.81 14.62
CA PRO B 122 2.96 3.49 13.95
C PRO B 122 1.65 3.27 14.68
N ASP B 123 0.73 4.22 14.48
CA ASP B 123 -0.61 4.06 15.04
C ASP B 123 -1.37 2.96 14.33
N ILE B 124 -1.18 2.82 13.02
CA ILE B 124 -1.81 1.77 12.23
C ILE B 124 -0.74 1.15 11.34
N LEU B 125 -0.86 -0.16 11.10
CA LEU B 125 0.08 -0.89 10.26
C LEU B 125 -0.70 -1.76 9.29
N CYS B 126 -0.51 -1.52 7.99
CA CYS B 126 -1.15 -2.32 6.96
C CYS B 126 -0.11 -3.22 6.30
N LEU B 127 -0.51 -4.46 6.05
CA LEU B 127 0.38 -5.47 5.47
C LEU B 127 -0.29 -6.11 4.27
N GLN B 128 0.50 -6.39 3.23
CA GLN B 128 -0.01 -6.98 2.01
C GLN B 128 0.84 -8.17 1.60
N GLU B 129 0.24 -9.05 0.80
CA GLU B 129 0.85 -10.30 0.36
C GLU B 129 1.40 -11.06 1.56
N THR B 130 0.52 -11.25 2.56
CA THR B 130 0.93 -11.97 3.77
C THR B 130 1.24 -13.43 3.49
N LYS B 131 0.53 -14.03 2.53
CA LYS B 131 0.72 -15.44 2.17
C LYS B 131 0.62 -16.32 3.41
N CYS B 132 -0.36 -16.02 4.26
CA CYS B 132 -0.50 -16.71 5.53
C CYS B 132 -1.98 -16.88 5.81
N SER B 133 -2.39 -18.13 5.98
CA SER B 133 -3.75 -18.42 6.45
C SER B 133 -3.90 -17.94 7.88
N GLU B 134 -5.15 -17.64 8.25
CA GLU B 134 -5.40 -17.08 9.58
C GLU B 134 -4.92 -18.02 10.68
N ASN B 135 -5.08 -19.34 10.49
CA ASN B 135 -4.69 -20.29 11.54
C ASN B 135 -3.18 -20.47 11.63
N LYS B 136 -2.42 -20.04 10.63
CA LYS B 136 -0.98 -20.21 10.61
C LYS B 136 -0.22 -18.97 11.06
N LEU B 137 -0.93 -17.94 11.54
CA LEU B 137 -0.28 -16.70 11.94
C LEU B 137 0.65 -16.94 13.12
N PRO B 138 1.92 -16.55 13.03
CA PRO B 138 2.83 -16.75 14.17
C PRO B 138 2.30 -16.16 15.45
N ALA B 139 2.74 -16.72 16.57
CA ALA B 139 2.23 -16.29 17.87
C ALA B 139 2.72 -14.90 18.24
N GLU B 140 3.95 -14.54 17.84
CA GLU B 140 4.49 -13.23 18.20
C GLU B 140 3.62 -12.09 17.71
N LEU B 141 2.88 -12.30 16.61
CA LEU B 141 2.00 -11.25 16.09
C LEU B 141 0.87 -10.95 17.05
N GLN B 142 0.30 -12.00 17.65
CA GLN B 142 -0.76 -11.78 18.63
C GLN B 142 -0.24 -10.97 19.82
N GLU B 143 1.00 -11.22 20.24
CA GLU B 143 1.59 -10.55 21.39
C GLU B 143 2.28 -9.23 21.03
N LEU B 144 2.06 -8.70 19.84
CA LEU B 144 2.74 -7.48 19.44
C LEU B 144 2.26 -6.30 20.28
N PRO B 145 3.16 -5.44 20.73
CA PRO B 145 2.75 -4.30 21.57
C PRO B 145 2.20 -3.16 20.75
N GLY B 146 1.19 -2.49 21.32
CA GLY B 146 0.62 -1.29 20.72
C GLY B 146 -0.44 -1.61 19.70
N LEU B 147 -0.06 -2.39 18.67
CA LEU B 147 -0.98 -2.78 17.61
C LEU B 147 -1.73 -4.05 18.01
N THR B 148 -2.62 -3.88 19.00
CA THR B 148 -3.29 -5.04 19.62
C THR B 148 -4.52 -5.48 18.84
N HIS B 149 -5.20 -4.55 18.17
CA HIS B 149 -6.40 -4.87 17.40
C HIS B 149 -5.99 -5.24 15.98
N GLN B 150 -6.15 -6.51 15.64
CA GLN B 150 -5.59 -7.07 14.43
C GLN B 150 -6.69 -7.75 13.61
N TYR B 151 -6.65 -7.53 12.31
CA TYR B 151 -7.63 -8.05 11.38
C TYR B 151 -6.89 -8.61 10.18
N TRP B 152 -7.30 -9.79 9.72
CA TRP B 152 -6.62 -10.47 8.62
C TRP B 152 -7.64 -10.98 7.62
N SER B 153 -7.25 -10.97 6.35
CA SER B 153 -8.04 -11.57 5.28
C SER B 153 -7.13 -12.45 4.44
N ALA B 154 -7.60 -13.66 4.15
CA ALA B 154 -6.83 -14.59 3.33
C ALA B 154 -7.76 -15.27 2.34
N PRO B 155 -7.22 -15.74 1.21
CA PRO B 155 -8.09 -16.35 0.20
C PRO B 155 -8.78 -17.58 0.76
N SER B 156 -10.02 -17.80 0.30
CA SER B 156 -10.80 -18.94 0.75
C SER B 156 -10.14 -20.26 0.35
N ASP B 157 -9.73 -20.37 -0.91
CA ASP B 157 -9.32 -21.66 -1.48
C ASP B 157 -7.87 -21.71 -1.94
N LYS B 158 -7.07 -20.68 -1.67
CA LYS B 158 -5.69 -20.64 -2.12
C LYS B 158 -4.77 -20.48 -0.92
N GLU B 159 -3.87 -21.44 -0.74
CA GLU B 159 -2.91 -21.42 0.36
C GLU B 159 -1.63 -20.75 -0.07
N GLY B 160 -1.10 -19.89 0.80
CA GLY B 160 0.15 -19.21 0.52
C GLY B 160 0.08 -18.22 -0.62
N TYR B 161 -1.07 -17.60 -0.82
CA TYR B 161 -1.31 -16.68 -1.91
C TYR B 161 -1.99 -15.44 -1.37
N SER B 162 -1.60 -14.27 -1.88
CA SER B 162 -2.27 -13.02 -1.55
C SER B 162 -2.39 -12.82 -0.04
N GLY B 163 -3.47 -12.19 0.39
CA GLY B 163 -3.75 -11.96 1.79
C GLY B 163 -3.23 -10.64 2.32
N VAL B 164 -4.04 -9.97 3.14
CA VAL B 164 -3.69 -8.70 3.73
C VAL B 164 -3.98 -8.73 5.22
N GLY B 165 -3.55 -7.66 5.89
CA GLY B 165 -3.80 -7.48 7.30
C GLY B 165 -3.75 -6.02 7.69
N LEU B 166 -4.45 -5.69 8.76
CA LEU B 166 -4.50 -4.33 9.28
C LEU B 166 -4.43 -4.40 10.80
N LEU B 167 -3.44 -3.72 11.38
CA LEU B 167 -3.19 -3.73 12.82
C LEU B 167 -3.24 -2.28 13.32
N SER B 168 -4.01 -2.04 14.38
CA SER B 168 -4.25 -0.69 14.87
C SER B 168 -4.02 -0.62 16.37
N ARG B 169 -3.54 0.55 16.82
CA ARG B 169 -3.48 0.83 18.25
C ARG B 169 -4.87 0.95 18.85
N GLN B 170 -5.76 1.66 18.18
CA GLN B 170 -7.10 1.93 18.66
C GLN B 170 -8.09 1.03 17.93
N CYS B 171 -9.23 0.79 18.58
CA CYS B 171 -10.27 0.00 17.96
C CYS B 171 -10.97 0.84 16.90
N PRO B 172 -11.19 0.31 15.71
CA PRO B 172 -11.99 1.01 14.70
C PRO B 172 -13.48 0.89 14.99
N LEU B 173 -14.24 1.86 14.50
CA LEU B 173 -15.70 1.82 14.67
C LEU B 173 -16.31 0.63 13.95
N LYS B 174 -15.83 0.33 12.74
CA LYS B 174 -16.36 -0.76 11.93
C LYS B 174 -15.23 -1.31 11.07
N VAL B 175 -15.23 -2.61 10.88
CA VAL B 175 -14.23 -3.28 10.04
C VAL B 175 -14.95 -4.27 9.13
N SER B 176 -14.77 -4.11 7.82
CA SER B 176 -15.37 -4.97 6.81
C SER B 176 -14.29 -5.47 5.86
N TYR B 177 -14.67 -6.41 4.99
CA TYR B 177 -13.71 -7.11 4.14
C TYR B 177 -14.23 -7.17 2.70
N GLY B 178 -13.32 -6.95 1.75
CA GLY B 178 -13.68 -6.99 0.34
C GLY B 178 -14.35 -5.71 -0.12
N ILE B 179 -14.82 -5.75 -1.37
CA ILE B 179 -15.43 -4.60 -2.03
C ILE B 179 -16.88 -4.87 -2.39
N GLY B 180 -17.48 -5.94 -1.87
CA GLY B 180 -18.88 -6.21 -2.04
C GLY B 180 -19.27 -6.99 -3.28
N GLU B 181 -18.34 -7.27 -4.19
CA GLU B 181 -18.59 -8.04 -5.40
C GLU B 181 -17.96 -9.42 -5.24
N GLU B 182 -18.81 -10.46 -5.33
CA GLU B 182 -18.37 -11.82 -5.03
C GLU B 182 -17.15 -12.21 -5.86
N GLU B 183 -17.08 -11.75 -7.11
CA GLU B 183 -15.99 -12.14 -7.99
C GLU B 183 -14.64 -11.65 -7.48
N HIS B 184 -14.62 -10.53 -6.75
CA HIS B 184 -13.39 -9.87 -6.35
C HIS B 184 -13.06 -10.04 -4.87
N ASP B 185 -13.94 -10.68 -4.10
CA ASP B 185 -13.75 -10.83 -2.66
C ASP B 185 -13.25 -12.21 -2.27
N GLN B 186 -12.76 -12.99 -3.22
CA GLN B 186 -12.39 -14.38 -2.98
C GLN B 186 -10.89 -14.57 -2.72
N GLU B 187 -10.08 -13.51 -2.78
CA GLU B 187 -8.65 -13.66 -2.59
C GLU B 187 -8.11 -12.86 -1.39
N GLY B 188 -8.98 -12.26 -0.59
CA GLY B 188 -8.54 -11.51 0.57
C GLY B 188 -7.52 -10.45 0.23
N ARG B 189 -7.97 -9.37 -0.42
CA ARG B 189 -7.09 -8.31 -0.87
C ARG B 189 -7.43 -6.96 -0.26
N VAL B 190 -8.58 -6.82 0.38
CA VAL B 190 -9.06 -5.53 0.87
C VAL B 190 -9.56 -5.68 2.29
N ILE B 191 -9.12 -4.78 3.17
CA ILE B 191 -9.68 -4.58 4.50
C ILE B 191 -10.04 -3.10 4.62
N VAL B 192 -11.24 -2.82 5.13
CA VAL B 192 -11.74 -1.46 5.33
C VAL B 192 -11.92 -1.23 6.83
N ALA B 193 -11.26 -0.20 7.35
CA ALA B 193 -11.33 0.17 8.76
C ALA B 193 -11.87 1.60 8.87
N GLU B 194 -13.08 1.74 9.40
CA GLU B 194 -13.71 3.04 9.55
C GLU B 194 -13.38 3.63 10.93
N PHE B 195 -13.03 4.90 10.95
CA PHE B 195 -12.76 5.62 12.18
C PHE B 195 -13.67 6.85 12.24
N GLU B 196 -13.59 7.58 13.35
CA GLU B 196 -14.50 8.71 13.54
C GLU B 196 -14.31 9.75 12.45
N SER B 197 -13.06 10.04 12.07
CA SER B 197 -12.76 11.15 11.20
C SER B 197 -12.48 10.75 9.75
N PHE B 198 -12.21 9.47 9.48
CA PHE B 198 -11.85 9.03 8.15
C PHE B 198 -12.05 7.53 8.06
N VAL B 199 -11.99 7.02 6.83
CA VAL B 199 -12.06 5.59 6.58
C VAL B 199 -10.77 5.17 5.88
N LEU B 200 -10.13 4.14 6.42
CA LEU B 200 -8.87 3.65 5.91
C LEU B 200 -9.10 2.34 5.16
N VAL B 201 -8.62 2.27 3.93
CA VAL B 201 -8.68 1.07 3.11
C VAL B 201 -7.25 0.65 2.82
N THR B 202 -6.94 -0.61 3.06
CA THR B 202 -5.68 -1.17 2.57
C THR B 202 -5.98 -2.23 1.53
N ALA B 203 -5.20 -2.24 0.46
CA ALA B 203 -5.48 -3.08 -0.68
C ALA B 203 -4.21 -3.74 -1.18
N TYR B 204 -4.40 -4.92 -1.78
CA TYR B 204 -3.35 -5.64 -2.51
C TYR B 204 -3.95 -5.99 -3.86
N VAL B 205 -3.79 -5.09 -4.81
CA VAL B 205 -4.49 -5.11 -6.10
C VAL B 205 -3.96 -6.27 -6.93
N PRO B 206 -4.80 -7.00 -7.66
CA PRO B 206 -4.33 -8.20 -8.40
C PRO B 206 -3.28 -7.86 -9.44
N ASN B 207 -2.21 -8.65 -9.47
CA ASN B 207 -1.16 -8.47 -10.46
C ASN B 207 -1.64 -8.97 -11.83
N ALA B 208 -1.23 -8.29 -12.90
CA ALA B 208 -1.69 -8.71 -14.21
C ALA B 208 -1.04 -10.02 -14.65
N GLY B 209 0.04 -10.42 -13.99
CA GLY B 209 0.65 -11.71 -14.29
C GLY B 209 1.62 -11.64 -15.45
N ARG B 210 2.59 -12.54 -15.41
CA ARG B 210 3.50 -12.70 -16.55
C ARG B 210 2.69 -13.16 -17.75
N GLY B 211 2.97 -12.56 -18.91
CA GLY B 211 2.17 -12.80 -20.08
C GLY B 211 0.83 -12.10 -20.12
N LEU B 212 0.47 -11.37 -19.06
CA LEU B 212 -0.75 -10.56 -19.02
C LEU B 212 -2.02 -11.42 -19.04
N VAL B 213 -1.93 -12.62 -18.46
CA VAL B 213 -3.05 -13.54 -18.44
C VAL B 213 -4.24 -12.98 -17.66
N ARG B 214 -3.98 -12.14 -16.65
CA ARG B 214 -5.04 -11.59 -15.82
C ARG B 214 -5.32 -10.11 -16.12
N LEU B 215 -4.83 -9.59 -17.24
CA LEU B 215 -5.03 -8.17 -17.53
C LEU B 215 -6.50 -7.86 -17.76
N GLU B 216 -7.23 -8.78 -18.39
CA GLU B 216 -8.68 -8.59 -18.56
C GLU B 216 -9.37 -8.56 -17.20
N TYR B 217 -9.02 -9.49 -16.31
CA TYR B 217 -9.59 -9.47 -14.97
C TYR B 217 -9.19 -8.21 -14.22
N ARG B 218 -7.92 -7.80 -14.33
CA ARG B 218 -7.45 -6.63 -13.61
C ARG B 218 -8.23 -5.38 -14.02
N GLN B 219 -8.62 -5.26 -15.29
CA GLN B 219 -9.41 -4.10 -15.70
C GLN B 219 -10.80 -4.15 -15.06
N ARG B 220 -11.38 -5.35 -14.93
CA ARG B 220 -12.68 -5.47 -14.28
C ARG B 220 -12.59 -5.10 -12.80
N TRP B 221 -11.58 -5.66 -12.10
CA TRP B 221 -11.28 -5.27 -10.73
C TRP B 221 -11.14 -3.76 -10.59
N ASP B 222 -10.30 -3.14 -11.45
CA ASP B 222 -10.05 -1.71 -11.34
C ASP B 222 -11.36 -0.92 -11.38
N GLU B 223 -12.29 -1.32 -12.26
CA GLU B 223 -13.56 -0.62 -12.35
C GLU B 223 -14.41 -0.84 -11.11
N ALA B 224 -14.46 -2.08 -10.61
CA ALA B 224 -15.24 -2.36 -9.41
C ALA B 224 -14.65 -1.66 -8.19
N PHE B 225 -13.33 -1.68 -8.08
CA PHE B 225 -12.66 -1.03 -6.95
C PHE B 225 -12.86 0.47 -6.98
N ARG B 226 -12.85 1.06 -8.18
CA ARG B 226 -13.04 2.50 -8.31
C ARG B 226 -14.42 2.91 -7.85
N LYS B 227 -15.46 2.16 -8.26
CA LYS B 227 -16.82 2.50 -7.85
C LYS B 227 -16.98 2.30 -6.34
N PHE B 228 -16.38 1.24 -5.80
CA PHE B 228 -16.43 0.99 -4.36
C PHE B 228 -15.85 2.17 -3.57
N LEU B 229 -14.64 2.60 -3.94
CA LEU B 229 -14.00 3.70 -3.21
C LEU B 229 -14.74 5.01 -3.40
N LYS B 230 -15.42 5.20 -4.54
CA LYS B 230 -16.14 6.45 -4.73
C LYS B 230 -17.34 6.53 -3.80
N ASP B 231 -18.00 5.39 -3.56
CA ASP B 231 -19.12 5.34 -2.62
C ASP B 231 -18.65 5.61 -1.20
N LEU B 232 -17.55 4.99 -0.77
CA LEU B 232 -17.01 5.28 0.55
C LEU B 232 -16.67 6.76 0.71
N ALA B 233 -16.09 7.36 -0.33
CA ALA B 233 -15.55 8.70 -0.19
C ALA B 233 -16.65 9.75 -0.08
N SER B 234 -17.85 9.43 -0.56
CA SER B 234 -18.95 10.39 -0.48
C SER B 234 -19.38 10.63 0.96
N ARG B 235 -19.33 9.59 1.80
CA ARG B 235 -19.78 9.71 3.18
C ARG B 235 -18.66 10.13 4.13
N LYS B 236 -17.42 9.75 3.87
CA LYS B 236 -16.31 10.05 4.78
C LYS B 236 -15.03 10.26 4.00
N PRO B 237 -14.12 11.08 4.51
CA PRO B 237 -12.79 11.19 3.88
C PRO B 237 -12.07 9.85 3.89
N LEU B 238 -11.30 9.61 2.83
CA LEU B 238 -10.76 8.29 2.56
C LEU B 238 -9.25 8.34 2.51
N VAL B 239 -8.62 7.31 3.07
CA VAL B 239 -7.20 7.05 2.93
C VAL B 239 -7.03 5.63 2.39
N LEU B 240 -6.33 5.51 1.27
CA LEU B 240 -6.07 4.22 0.63
C LEU B 240 -4.57 3.99 0.60
N CYS B 241 -4.17 2.77 0.96
CA CYS B 241 -2.75 2.43 1.03
C CYS B 241 -2.58 0.97 0.62
N GLY B 242 -1.36 0.65 0.19
CA GLY B 242 -1.01 -0.73 -0.09
C GLY B 242 -0.31 -0.86 -1.41
N ASP B 243 -0.21 -2.10 -1.88
CA ASP B 243 0.41 -2.41 -3.16
C ASP B 243 -0.67 -2.28 -4.23
N LEU B 244 -0.68 -1.17 -4.96
CA LEU B 244 -1.66 -0.98 -6.00
C LEU B 244 -1.23 -1.58 -7.34
N ASN B 245 -0.01 -2.11 -7.41
CA ASN B 245 0.48 -2.92 -8.53
C ASN B 245 0.42 -2.17 -9.86
N VAL B 246 0.92 -0.94 -9.84
CA VAL B 246 1.04 -0.12 -11.02
C VAL B 246 2.02 1.00 -10.71
N ALA B 247 2.89 1.28 -11.67
CA ALA B 247 3.70 2.48 -11.64
C ALA B 247 2.95 3.50 -12.48
N HIS B 248 2.49 4.58 -11.84
CA HIS B 248 1.59 5.50 -12.52
C HIS B 248 2.24 6.11 -13.76
N GLU B 249 3.43 6.68 -13.60
CA GLU B 249 4.07 7.46 -14.63
C GLU B 249 5.45 6.89 -14.94
N GLU B 250 6.13 7.48 -15.92
CA GLU B 250 7.45 6.96 -16.25
C GLU B 250 8.45 7.23 -15.13
N ILE B 251 8.21 8.27 -14.33
CA ILE B 251 9.12 8.56 -13.23
C ILE B 251 9.05 7.47 -12.17
N ASP B 252 7.96 6.70 -12.15
CA ASP B 252 7.64 5.75 -11.09
C ASP B 252 8.29 4.38 -11.29
N LEU B 253 9.18 4.23 -12.27
CA LEU B 253 9.94 3.01 -12.43
C LEU B 253 11.23 3.33 -13.18
N ARG B 254 12.25 2.50 -12.96
CA ARG B 254 13.58 2.82 -13.45
C ARG B 254 13.69 2.65 -14.98
N ASN B 255 13.12 1.60 -15.53
CA ASN B 255 13.18 1.33 -16.95
C ASN B 255 11.77 1.37 -17.52
N PRO B 256 11.23 2.56 -17.79
CA PRO B 256 9.88 2.64 -18.38
C PRO B 256 9.81 2.17 -19.83
N LYS B 257 10.81 2.47 -20.67
CA LYS B 257 10.68 2.10 -22.07
C LYS B 257 10.60 0.58 -22.26
N GLY B 258 11.24 -0.18 -21.38
CA GLY B 258 11.21 -1.64 -21.52
C GLY B 258 9.95 -2.31 -21.01
N ASN B 259 9.21 -1.66 -20.12
CA ASN B 259 8.14 -2.34 -19.40
C ASN B 259 6.74 -1.95 -19.88
N LYS B 260 6.64 -1.29 -21.04
CA LYS B 260 5.35 -0.83 -21.52
C LYS B 260 4.36 -1.97 -21.73
N LYS B 261 4.83 -3.20 -21.92
CA LYS B 261 3.94 -4.35 -22.11
C LYS B 261 4.05 -5.36 -20.96
N ASN B 262 4.69 -5.00 -19.86
CA ASN B 262 4.84 -5.85 -18.71
C ASN B 262 3.84 -5.49 -17.63
N ALA B 263 3.41 -6.48 -16.85
CA ALA B 263 2.50 -6.23 -15.74
C ALA B 263 3.07 -5.15 -14.83
N GLY B 264 2.23 -4.17 -14.48
CA GLY B 264 2.63 -3.07 -13.65
C GLY B 264 2.81 -1.77 -14.39
N PHE B 265 2.84 -1.80 -15.73
CA PHE B 265 3.06 -0.59 -16.51
C PHE B 265 2.39 -0.64 -17.89
N THR B 266 1.39 -1.51 -18.07
CA THR B 266 0.61 -1.52 -19.30
C THR B 266 -0.29 -0.28 -19.35
N PRO B 267 -0.68 0.15 -20.56
CA PRO B 267 -1.60 1.31 -20.66
C PRO B 267 -2.90 1.10 -19.89
N GLN B 268 -3.40 -0.13 -19.83
CA GLN B 268 -4.65 -0.40 -19.13
C GLN B 268 -4.50 -0.18 -17.63
N GLU B 269 -3.39 -0.62 -17.05
CA GLU B 269 -3.20 -0.43 -15.61
C GLU B 269 -2.96 1.03 -15.26
N ARG B 270 -2.09 1.70 -16.02
CA ARG B 270 -1.80 3.11 -15.73
C ARG B 270 -3.02 3.98 -15.92
N GLN B 271 -3.86 3.66 -16.89
CA GLN B 271 -5.06 4.47 -17.10
C GLN B 271 -6.07 4.25 -15.98
N GLY B 272 -6.27 2.98 -15.58
CA GLY B 272 -7.14 2.71 -14.46
C GLY B 272 -6.73 3.43 -13.20
N PHE B 273 -5.42 3.61 -13.02
CA PHE B 273 -4.91 4.35 -11.86
C PHE B 273 -5.24 5.82 -11.97
N GLY B 274 -5.05 6.41 -13.16
CA GLY B 274 -5.37 7.81 -13.34
C GLY B 274 -6.86 8.08 -13.27
N GLU B 275 -7.66 7.15 -13.78
CA GLU B 275 -9.12 7.24 -13.64
C GLU B 275 -9.54 7.13 -12.19
N LEU B 276 -8.83 6.31 -11.40
CA LEU B 276 -9.13 6.20 -9.98
C LEU B 276 -8.87 7.52 -9.26
N LEU B 277 -7.74 8.17 -9.56
CA LEU B 277 -7.42 9.43 -8.88
C LEU B 277 -8.47 10.49 -9.16
N GLN B 278 -9.02 10.49 -10.38
CA GLN B 278 -9.93 11.56 -10.78
C GLN B 278 -11.38 11.26 -10.45
N ALA B 279 -11.75 10.00 -10.29
CA ALA B 279 -13.14 9.64 -10.09
C ALA B 279 -13.59 9.79 -8.64
N VAL B 280 -12.73 9.38 -7.71
CA VAL B 280 -13.12 9.23 -6.30
C VAL B 280 -13.45 10.57 -5.65
N PRO B 281 -12.56 11.58 -5.65
CA PRO B 281 -11.19 11.69 -6.13
C PRO B 281 -10.16 11.41 -5.03
N LEU B 282 -8.97 10.99 -5.43
CA LEU B 282 -7.86 10.75 -4.52
C LEU B 282 -6.62 11.42 -5.09
N ALA B 283 -5.67 11.72 -4.20
CA ALA B 283 -4.38 12.28 -4.59
C ALA B 283 -3.26 11.36 -4.15
N ASP B 284 -2.23 11.26 -5.01
CA ASP B 284 -1.02 10.48 -4.72
C ASP B 284 -0.14 11.29 -3.76
N SER B 285 -0.14 10.89 -2.49
CA SER B 285 0.45 11.73 -1.45
C SER B 285 1.94 11.97 -1.71
N PHE B 286 2.69 10.92 -2.03
CA PHE B 286 4.12 11.11 -2.26
C PHE B 286 4.34 12.01 -3.47
N ARG B 287 3.62 11.76 -4.57
CA ARG B 287 3.84 12.54 -5.78
C ARG B 287 3.36 13.97 -5.61
N HIS B 288 2.31 14.16 -4.83
CA HIS B 288 1.84 15.50 -4.48
C HIS B 288 2.93 16.31 -3.81
N LEU B 289 3.66 15.70 -2.87
CA LEU B 289 4.66 16.42 -2.10
C LEU B 289 6.00 16.51 -2.84
N TYR B 290 6.30 15.56 -3.71
CA TYR B 290 7.59 15.52 -4.41
C TYR B 290 7.32 15.34 -5.90
N PRO B 291 6.87 16.39 -6.58
CA PRO B 291 6.36 16.24 -7.96
C PRO B 291 7.43 15.87 -8.97
N ASN B 292 8.69 16.22 -8.69
CA ASN B 292 9.78 15.97 -9.61
C ASN B 292 10.85 15.07 -9.01
N THR B 293 10.58 14.43 -7.88
CA THR B 293 11.57 13.55 -7.28
C THR B 293 11.53 12.20 -7.97
N ALA B 294 12.65 11.82 -8.57
CA ALA B 294 12.76 10.62 -9.37
C ALA B 294 13.56 9.56 -8.62
N TYR B 295 13.60 8.37 -9.22
CA TYR B 295 14.34 7.23 -8.69
C TYR B 295 13.83 6.78 -7.34
N ALA B 296 12.59 7.11 -6.99
CA ALA B 296 12.01 6.79 -5.69
C ALA B 296 11.10 5.57 -5.86
N TYR B 297 11.60 4.40 -5.47
CA TYR B 297 10.88 3.16 -5.68
C TYR B 297 10.56 2.50 -4.34
N THR B 298 9.56 1.62 -4.36
CA THR B 298 9.16 0.83 -3.22
C THR B 298 9.25 -0.67 -3.47
N PHE B 299 9.68 -1.11 -4.65
CA PHE B 299 9.78 -2.52 -4.98
C PHE B 299 11.00 -2.73 -5.88
N TRP B 300 11.71 -3.84 -5.66
CA TRP B 300 12.80 -4.26 -6.53
C TRP B 300 12.76 -5.77 -6.62
N THR B 301 12.85 -6.31 -7.85
CA THR B 301 12.88 -7.75 -8.00
C THR B 301 14.06 -8.33 -7.24
N TYR B 302 13.88 -9.57 -6.78
CA TYR B 302 15.00 -10.29 -6.18
C TYR B 302 16.05 -10.62 -7.22
N MET B 303 15.66 -10.71 -8.49
CA MET B 303 16.56 -11.08 -9.58
C MET B 303 17.45 -9.91 -9.99
N MET B 304 18.67 -10.25 -10.44
CA MET B 304 19.60 -9.35 -11.12
C MET B 304 20.04 -8.17 -10.26
N ASN B 305 20.08 -8.35 -8.94
CA ASN B 305 20.55 -7.33 -8.00
C ASN B 305 19.84 -6.00 -8.22
N ALA B 306 18.53 -6.08 -8.48
CA ALA B 306 17.78 -4.87 -8.76
C ALA B 306 17.86 -3.88 -7.59
N ARG B 307 17.79 -4.38 -6.36
CA ARG B 307 17.80 -3.47 -5.22
C ARG B 307 19.17 -2.84 -5.02
N SER B 308 20.25 -3.61 -5.23
CA SER B 308 21.57 -3.03 -5.14
C SER B 308 21.75 -1.92 -6.16
N LYS B 309 21.23 -2.11 -7.36
CA LYS B 309 21.33 -1.17 -8.46
C LYS B 309 20.15 -0.21 -8.55
N ASN B 310 19.22 -0.26 -7.57
CA ASN B 310 18.04 0.61 -7.51
C ASN B 310 17.26 0.60 -8.83
N VAL B 311 17.14 -0.58 -9.43
CA VAL B 311 16.25 -0.78 -10.57
C VAL B 311 14.92 -1.22 -9.99
N GLY B 312 14.05 -0.24 -9.72
CA GLY B 312 12.86 -0.46 -8.94
C GLY B 312 11.60 0.08 -9.59
N TRP B 313 10.50 -0.12 -8.87
CA TRP B 313 9.19 0.38 -9.21
C TRP B 313 8.59 1.01 -7.96
N ARG B 314 7.76 2.02 -8.14
CA ARG B 314 6.93 2.56 -7.08
C ARG B 314 5.54 1.96 -7.27
N LEU B 315 5.24 0.93 -6.49
CA LEU B 315 3.96 0.26 -6.55
C LEU B 315 3.10 0.50 -5.31
N ASP B 316 3.66 1.10 -4.26
CA ASP B 316 3.01 1.20 -2.96
C ASP B 316 2.71 2.68 -2.69
N TYR B 317 1.45 2.98 -2.37
CA TYR B 317 0.96 4.35 -2.35
C TYR B 317 0.18 4.64 -1.08
N PHE B 318 0.10 5.92 -0.75
CA PHE B 318 -0.92 6.49 0.13
C PHE B 318 -1.73 7.46 -0.71
N LEU B 319 -2.97 7.10 -1.05
CA LEU B 319 -3.87 7.98 -1.79
C LEU B 319 -4.91 8.56 -0.83
N LEU B 320 -4.98 9.90 -0.77
CA LEU B 320 -5.87 10.60 0.16
C LEU B 320 -6.96 11.35 -0.59
N SER B 321 -8.11 11.48 0.06
CA SER B 321 -9.13 12.41 -0.41
C SER B 321 -8.60 13.84 -0.39
N HIS B 322 -9.10 14.67 -1.31
CA HIS B 322 -8.59 16.03 -1.41
C HIS B 322 -8.80 16.80 -0.11
N SER B 323 -9.89 16.52 0.62
CA SER B 323 -10.19 17.23 1.86
C SER B 323 -9.18 16.94 2.97
N LEU B 324 -8.44 15.83 2.89
CA LEU B 324 -7.39 15.55 3.85
C LEU B 324 -6.06 16.19 3.48
N LEU B 325 -5.92 16.70 2.24
CA LEU B 325 -4.66 17.31 1.83
C LEU B 325 -4.16 18.42 2.74
N PRO B 326 -5.00 19.30 3.30
CA PRO B 326 -4.49 20.26 4.30
C PRO B 326 -3.94 19.60 5.55
N ALA B 327 -4.31 18.35 5.82
CA ALA B 327 -3.80 17.60 6.96
C ALA B 327 -2.56 16.79 6.63
N LEU B 328 -2.18 16.71 5.35
CA LEU B 328 -1.04 15.91 4.95
C LEU B 328 0.26 16.53 5.44
N CYS B 329 1.08 15.75 6.13
CA CYS B 329 2.35 16.23 6.64
C CYS B 329 3.52 15.69 5.84
N ASP B 330 3.53 14.38 5.61
CA ASP B 330 4.59 13.80 4.81
C ASP B 330 4.19 12.39 4.40
N SER B 331 4.83 11.92 3.33
CA SER B 331 4.66 10.57 2.83
C SER B 331 6.04 10.04 2.53
N LYS B 332 6.42 8.94 3.18
CA LYS B 332 7.81 8.51 3.21
C LYS B 332 7.98 7.19 2.47
N ILE B 333 9.22 6.95 2.06
CA ILE B 333 9.64 5.69 1.47
C ILE B 333 10.85 5.20 2.26
N ARG B 334 10.67 4.13 3.01
CA ARG B 334 11.70 3.58 3.91
C ARG B 334 12.59 2.62 3.12
N SER B 335 13.39 3.22 2.23
CA SER B 335 14.18 2.48 1.25
C SER B 335 15.10 1.44 1.89
N LYS B 336 15.59 1.69 3.11
CA LYS B 336 16.64 0.87 3.69
C LYS B 336 16.11 -0.31 4.50
N ALA B 337 14.80 -0.44 4.67
CA ALA B 337 14.23 -1.46 5.54
C ALA B 337 14.12 -2.79 4.80
N LEU B 338 14.76 -3.82 5.34
CA LEU B 338 14.86 -5.10 4.68
C LEU B 338 13.74 -6.03 5.13
N GLY B 339 13.72 -7.23 4.55
CA GLY B 339 12.71 -8.22 4.89
C GLY B 339 11.75 -8.57 3.77
N SER B 340 11.80 -7.88 2.63
CA SER B 340 10.86 -8.13 1.54
C SER B 340 11.46 -7.58 0.26
N ASP B 341 10.87 -7.94 -0.88
CA ASP B 341 11.18 -7.26 -2.12
C ASP B 341 10.46 -5.92 -2.24
N HIS B 342 9.52 -5.63 -1.34
CA HIS B 342 9.00 -4.29 -1.17
C HIS B 342 9.59 -3.68 0.09
N CYS B 343 9.61 -2.36 0.13
CA CYS B 343 9.99 -1.67 1.33
C CYS B 343 8.76 -0.95 1.89
N PRO B 344 8.81 -0.53 3.15
CA PRO B 344 7.63 0.10 3.75
C PRO B 344 7.48 1.56 3.32
N ILE B 345 6.25 2.05 3.49
CA ILE B 345 5.94 3.46 3.28
C ILE B 345 5.13 3.95 4.48
N THR B 346 5.37 5.19 4.87
CA THR B 346 4.76 5.75 6.07
C THR B 346 4.06 7.05 5.71
N LEU B 347 2.90 7.25 6.28
CA LEU B 347 2.12 8.46 6.09
C LEU B 347 1.95 9.17 7.42
N TYR B 348 2.12 10.49 7.41
CA TYR B 348 1.89 11.35 8.57
C TYR B 348 0.72 12.27 8.28
N LEU B 349 -0.29 12.25 9.16
CA LEU B 349 -1.44 13.12 9.03
C LEU B 349 -1.65 13.90 10.31
N ALA B 350 -2.29 15.05 10.20
CA ALA B 350 -2.60 15.92 11.33
C ALA B 350 -4.12 16.04 11.43
N LEU B 351 -4.74 15.16 12.23
CA LEU B 351 -6.19 15.17 12.40
C LEU B 351 -6.63 15.64 13.78
#